data_5LN8
#
_entry.id   5LN8
#
_cell.length_a   41.840
_cell.length_b   41.930
_cell.length_c   151.140
_cell.angle_alpha   90.000
_cell.angle_beta   90.000
_cell.angle_gamma   90.000
#
_symmetry.space_group_name_H-M   'P 21 21 21'
#
loop_
_entity.id
_entity.type
_entity.pdbx_description
1 polymer 'Fimbrial protein MyfA,Fimbrial protein MyfA'
2 non-polymer beta-D-galactopyranose
3 water water
#
_entity_poly.entity_id   1
_entity_poly.type   'polypeptide(L)'
_entity_poly.pdbx_seq_one_letter_code
;FSVEFKATENEIVSGKLDADTPAFHLVMSDSGEHKGWNVRPTGASEGGQMVSADGTRVDLHTNELSWDNDHWWIDDGSER
VEATFFLAAGDEVKAGEYQFTGRVEEYVEDNKQEPTVINSKDISATKTVKE
;
_entity_poly.pdbx_strand_id   A,B
#
# COMPACT_ATOMS: atom_id res chain seq x y z
N PHE A 1 0.46 -9.58 -4.64
CA PHE A 1 -0.46 -8.94 -5.57
C PHE A 1 -1.91 -9.18 -5.19
N SER A 2 -2.62 -8.11 -4.88
CA SER A 2 -4.04 -8.22 -4.61
C SER A 2 -4.79 -7.06 -5.27
N VAL A 3 -6.08 -7.24 -5.47
CA VAL A 3 -6.90 -6.22 -6.06
C VAL A 3 -8.23 -6.22 -5.31
N GLU A 4 -8.76 -5.04 -5.06
CA GLU A 4 -10.08 -4.92 -4.47
C GLU A 4 -10.89 -3.96 -5.33
N PHE A 5 -12.04 -4.43 -5.81
CA PHE A 5 -12.91 -3.62 -6.64
C PHE A 5 -14.34 -3.82 -6.18
N LYS A 6 -15.01 -2.72 -5.82
CA LYS A 6 -16.35 -2.81 -5.28
C LYS A 6 -17.16 -1.56 -5.59
N ALA A 7 -18.48 -1.71 -5.60
CA ALA A 7 -19.40 -0.60 -5.73
C ALA A 7 -19.27 0.32 -4.51
N THR A 8 -19.44 1.63 -4.70
CA THR A 8 -19.42 2.58 -3.59
C THR A 8 -20.73 2.54 -2.80
N GLU A 9 -20.75 3.16 -1.62
CA GLU A 9 -21.90 3.06 -0.74
C GLU A 9 -22.92 4.19 -0.87
N ASN A 10 -22.53 5.28 -1.55
CA ASN A 10 -23.45 6.40 -1.82
C ASN A 10 -24.61 6.03 -2.77
N GLU A 11 -25.82 6.43 -2.39
CA GLU A 11 -26.99 6.07 -3.18
C GLU A 11 -27.18 6.97 -4.41
N ILE A 12 -27.45 6.36 -5.56
CA ILE A 12 -27.69 7.08 -6.80
C ILE A 12 -29.15 6.85 -7.22
N VAL A 13 -29.83 7.95 -7.55
CA VAL A 13 -31.22 7.94 -7.95
C VAL A 13 -31.28 8.33 -9.42
N SER A 14 -32.18 7.70 -10.19
CA SER A 14 -32.22 7.89 -11.64
C SER A 14 -32.45 9.34 -12.04
N GLY A 15 -32.00 9.69 -13.24
CA GLY A 15 -32.15 11.05 -13.74
C GLY A 15 -30.85 11.72 -14.13
N LYS A 16 -30.85 13.05 -14.12
CA LYS A 16 -29.72 13.85 -14.62
C LYS A 16 -28.87 14.36 -13.47
N LEU A 17 -27.63 13.87 -13.39
CA LEU A 17 -26.73 14.22 -12.29
C LEU A 17 -26.29 15.68 -12.33
N ASP A 18 -26.06 16.26 -11.15
CA ASP A 18 -25.61 17.63 -11.03
C ASP A 18 -24.13 17.67 -10.75
N ALA A 19 -23.61 16.57 -10.18
CA ALA A 19 -22.25 16.54 -9.67
C ALA A 19 -21.57 15.24 -10.03
N ASP A 20 -20.23 15.22 -9.93
CA ASP A 20 -19.50 13.97 -10.10
C ASP A 20 -19.90 12.99 -8.99
N THR A 21 -20.41 11.82 -9.37
CA THR A 21 -20.98 10.87 -8.41
C THR A 21 -20.22 9.53 -8.40
N PRO A 22 -19.62 9.20 -7.24
CA PRO A 22 -18.83 7.96 -7.04
C PRO A 22 -19.63 6.70 -7.36
N ALA A 23 -18.98 5.76 -8.05
CA ALA A 23 -19.65 4.53 -8.47
C ALA A 23 -18.90 3.26 -8.06
N PHE A 24 -17.60 3.23 -8.26
CA PHE A 24 -16.79 2.09 -7.83
C PHE A 24 -15.53 2.59 -7.15
N HIS A 25 -14.90 1.73 -6.36
CA HIS A 25 -13.61 2.05 -5.76
C HIS A 25 -12.63 0.92 -6.02
N LEU A 26 -11.40 1.27 -6.38
CA LEU A 26 -10.40 0.27 -6.73
C LEU A 26 -9.17 0.38 -5.85
N VAL A 27 -8.59 -0.76 -5.48
CA VAL A 27 -7.33 -0.80 -4.79
C VAL A 27 -6.44 -1.83 -5.47
N MET A 28 -5.25 -1.40 -5.89
CA MET A 28 -4.29 -2.29 -6.51
C MET A 28 -2.97 -2.27 -5.74
N SER A 29 -2.52 -3.44 -5.30
CA SER A 29 -1.33 -3.47 -4.46
C SER A 29 -0.42 -4.67 -4.73
N ASP A 30 0.87 -4.46 -4.50
CA ASP A 30 1.88 -5.50 -4.60
C ASP A 30 3.16 -4.96 -4.00
N SER A 31 3.74 -5.74 -3.08
CA SER A 31 5.01 -5.36 -2.48
C SER A 31 6.17 -5.59 -3.44
N GLY A 32 5.93 -6.34 -4.51
CA GLY A 32 6.95 -6.58 -5.51
C GLY A 32 7.32 -5.36 -6.32
N GLU A 33 8.49 -5.43 -6.95
CA GLU A 33 8.98 -4.34 -7.78
C GLU A 33 8.13 -4.22 -9.05
N HIS A 34 7.61 -3.01 -9.32
CA HIS A 34 6.81 -2.77 -10.52
C HIS A 34 6.85 -1.32 -11.02
N LYS A 35 6.44 -1.10 -12.27
CA LYS A 35 6.42 0.23 -12.84
C LYS A 35 5.06 0.90 -12.69
N GLY A 36 3.99 0.13 -12.90
CA GLY A 36 2.65 0.69 -12.83
C GLY A 36 1.54 -0.31 -13.08
N TRP A 37 0.37 0.20 -13.46
CA TRP A 37 -0.84 -0.61 -13.60
C TRP A 37 -1.67 -0.24 -14.81
N ASN A 38 -2.37 -1.23 -15.36
CA ASN A 38 -3.43 -0.98 -16.33
C ASN A 38 -4.76 -1.41 -15.71
N VAL A 39 -5.83 -0.74 -16.11
CA VAL A 39 -7.18 -1.22 -15.83
C VAL A 39 -7.91 -1.26 -17.16
N ARG A 40 -8.05 -2.46 -17.71
CA ARG A 40 -8.62 -2.65 -19.05
C ARG A 40 -10.07 -3.11 -18.96
N PRO A 41 -11.00 -2.30 -19.46
CA PRO A 41 -12.40 -2.75 -19.48
C PRO A 41 -12.53 -3.97 -20.37
N THR A 42 -13.40 -4.89 -19.99
CA THR A 42 -13.59 -6.12 -20.74
C THR A 42 -15.05 -6.33 -21.06
N GLY A 43 -15.33 -7.15 -22.07
CA GLY A 43 -16.70 -7.51 -22.39
C GLY A 43 -17.57 -6.29 -22.69
N ALA A 44 -18.76 -6.25 -22.10
CA ALA A 44 -19.72 -5.19 -22.38
C ALA A 44 -19.17 -3.81 -22.03
N SER A 45 -18.25 -3.78 -21.06
CA SER A 45 -17.72 -2.53 -20.56
C SER A 45 -16.68 -1.93 -21.48
N GLU A 46 -16.32 -2.63 -22.54
CA GLU A 46 -15.36 -2.10 -23.50
C GLU A 46 -15.72 -0.66 -23.90
N GLY A 47 -14.75 0.24 -23.79
CA GLY A 47 -15.02 1.65 -24.00
C GLY A 47 -14.98 2.41 -22.69
N GLY A 48 -15.03 1.68 -21.58
CA GLY A 48 -14.97 2.28 -20.26
C GLY A 48 -16.32 2.67 -19.67
N GLN A 49 -17.33 1.82 -19.89
CA GLN A 49 -18.69 2.08 -19.44
C GLN A 49 -19.15 1.01 -18.46
N MET A 50 -20.01 1.39 -17.52
CA MET A 50 -20.79 0.40 -16.78
C MET A 50 -22.09 0.18 -17.54
N VAL A 51 -22.57 -1.06 -17.57
CA VAL A 51 -23.67 -1.42 -18.45
C VAL A 51 -24.77 -2.16 -17.70
N SER A 52 -26.01 -1.65 -17.80
CA SER A 52 -27.15 -2.28 -17.12
C SER A 52 -27.70 -3.45 -17.92
N ALA A 53 -28.70 -4.13 -17.39
CA ALA A 53 -29.27 -5.30 -18.05
C ALA A 53 -30.00 -4.97 -19.37
N ASP A 54 -30.58 -3.78 -19.44
CA ASP A 54 -31.29 -3.37 -20.66
C ASP A 54 -30.37 -2.71 -21.68
N GLY A 55 -29.07 -2.68 -21.39
CA GLY A 55 -28.11 -2.16 -22.35
C GLY A 55 -27.84 -0.66 -22.28
N THR A 56 -28.20 -0.04 -21.16
CA THR A 56 -27.87 1.36 -20.94
C THR A 56 -26.38 1.42 -20.57
N ARG A 57 -25.61 2.22 -21.30
CA ARG A 57 -24.17 2.32 -21.06
C ARG A 57 -23.88 3.68 -20.46
N VAL A 58 -23.21 3.70 -19.31
CA VAL A 58 -22.82 4.97 -18.67
C VAL A 58 -21.29 5.09 -18.51
N ASP A 59 -20.73 6.23 -18.90
CA ASP A 59 -19.28 6.46 -18.79
C ASP A 59 -18.76 6.42 -17.35
N LEU A 60 -17.56 5.87 -17.20
CA LEU A 60 -16.82 5.92 -15.93
C LEU A 60 -15.66 6.88 -16.07
N HIS A 61 -15.34 7.59 -15.00
CA HIS A 61 -14.17 8.46 -15.00
C HIS A 61 -13.44 8.32 -13.69
N THR A 62 -12.15 8.62 -13.71
CA THR A 62 -11.37 8.65 -12.49
C THR A 62 -10.32 9.72 -12.57
N ASN A 63 -10.05 10.36 -11.43
CA ASN A 63 -9.02 11.38 -11.38
C ASN A 63 -7.69 10.82 -10.88
N GLU A 64 -7.68 9.55 -10.51
CA GLU A 64 -6.49 8.91 -9.98
C GLU A 64 -5.69 8.16 -11.03
N LEU A 65 -6.33 7.86 -12.16
CA LEU A 65 -5.65 7.13 -13.23
C LEU A 65 -5.75 7.92 -14.53
N SER A 66 -4.75 7.73 -15.39
CA SER A 66 -4.78 8.28 -16.75
C SER A 66 -5.57 7.36 -17.67
N TRP A 67 -5.83 7.82 -18.89
CA TRP A 67 -6.56 7.05 -19.87
C TRP A 67 -5.81 7.07 -21.20
N ASP A 68 -5.78 5.93 -21.88
CA ASP A 68 -5.12 5.80 -23.17
C ASP A 68 -6.04 5.05 -24.14
N ASN A 69 -6.83 5.82 -24.90
CA ASN A 69 -7.74 5.29 -25.93
C ASN A 69 -8.83 4.38 -25.40
N ASP A 70 -8.45 3.33 -24.69
CA ASP A 70 -9.41 2.32 -24.29
C ASP A 70 -9.17 1.70 -22.91
N HIS A 71 -8.32 2.33 -22.11
CA HIS A 71 -7.98 1.76 -20.81
C HIS A 71 -7.35 2.78 -19.87
N TRP A 72 -7.53 2.59 -18.58
CA TRP A 72 -6.85 3.42 -17.59
C TRP A 72 -5.45 2.84 -17.31
N TRP A 73 -4.54 3.70 -16.88
CA TRP A 73 -3.16 3.31 -16.56
C TRP A 73 -2.53 4.34 -15.64
N ILE A 74 -1.47 3.92 -14.95
CA ILE A 74 -0.69 4.83 -14.13
C ILE A 74 0.69 4.24 -13.88
N ASP A 75 1.72 5.07 -13.96
CA ASP A 75 3.02 4.67 -13.47
C ASP A 75 3.05 4.97 -11.98
N ASP A 76 3.12 3.92 -11.17
CA ASP A 76 3.16 4.06 -9.72
C ASP A 76 3.89 2.86 -9.15
N GLY A 77 5.05 3.12 -8.56
CA GLY A 77 5.91 2.06 -8.04
C GLY A 77 5.73 1.79 -6.57
N SER A 78 4.82 2.52 -5.92
CA SER A 78 4.56 2.31 -4.51
C SER A 78 3.82 0.99 -4.35
N GLU A 79 3.65 0.54 -3.11
CA GLU A 79 3.05 -0.77 -2.87
C GLU A 79 1.54 -0.78 -3.13
N ARG A 80 0.94 0.40 -3.26
CA ARG A 80 -0.52 0.49 -3.25
C ARG A 80 -1.04 1.74 -3.95
N VAL A 81 -2.05 1.55 -4.81
CA VAL A 81 -2.74 2.63 -5.50
C VAL A 81 -4.24 2.53 -5.31
N GLU A 82 -4.89 3.65 -4.97
CA GLU A 82 -6.34 3.69 -4.88
C GLU A 82 -6.93 4.59 -5.96
N ALA A 83 -8.09 4.19 -6.47
CA ALA A 83 -8.83 4.94 -7.47
C ALA A 83 -10.34 4.89 -7.22
N THR A 84 -11.02 6.02 -7.41
CA THR A 84 -12.48 6.04 -7.39
C THR A 84 -13.01 6.32 -8.79
N PHE A 85 -13.96 5.51 -9.25
CA PHE A 85 -14.59 5.76 -10.53
C PHE A 85 -15.92 6.45 -10.31
N PHE A 86 -16.11 7.55 -11.01
CA PHE A 86 -17.30 8.33 -10.79
C PHE A 86 -18.02 8.57 -12.12
N LEU A 87 -19.29 8.93 -12.00
CA LEU A 87 -20.11 9.36 -13.13
C LEU A 87 -20.05 10.88 -13.18
N ALA A 88 -19.77 11.42 -14.36
CA ALA A 88 -19.63 12.87 -14.53
C ALA A 88 -20.95 13.59 -14.33
N ALA A 89 -20.87 14.79 -13.79
CA ALA A 89 -22.02 15.67 -13.69
C ALA A 89 -22.60 15.91 -15.08
N GLY A 90 -23.92 15.91 -15.19
CA GLY A 90 -24.55 16.21 -16.46
C GLY A 90 -25.04 14.99 -17.20
N ASP A 91 -24.48 13.83 -16.88
CA ASP A 91 -24.93 12.59 -17.48
C ASP A 91 -26.31 12.18 -16.95
N GLU A 92 -27.14 11.64 -17.85
CA GLU A 92 -28.41 11.05 -17.47
C GLU A 92 -28.18 9.59 -17.11
N VAL A 93 -28.69 9.15 -15.96
CA VAL A 93 -28.56 7.75 -15.54
C VAL A 93 -29.88 7.03 -15.32
N LYS A 94 -30.21 6.13 -16.25
CA LYS A 94 -31.52 5.52 -16.26
C LYS A 94 -31.65 4.30 -15.38
N ALA A 95 -32.21 3.27 -15.97
CA ALA A 95 -32.75 2.13 -15.24
C ALA A 95 -31.76 1.00 -14.96
N GLY A 96 -31.44 0.84 -13.67
CA GLY A 96 -31.01 -0.45 -13.18
C GLY A 96 -29.67 -0.70 -12.51
N GLU A 97 -29.23 -1.94 -12.67
CA GLU A 97 -28.03 -2.45 -12.03
C GLU A 97 -26.91 -2.48 -13.05
N TYR A 98 -25.91 -1.64 -12.86
CA TYR A 98 -24.88 -1.43 -13.87
C TYR A 98 -23.62 -2.20 -13.53
N GLN A 99 -23.20 -3.07 -14.43
CA GLN A 99 -22.01 -3.86 -14.21
C GLN A 99 -20.80 -3.29 -14.93
N PHE A 100 -19.68 -3.23 -14.22
CA PHE A 100 -18.40 -3.02 -14.88
C PHE A 100 -17.55 -4.27 -14.73
N THR A 101 -17.03 -4.75 -15.85
CA THR A 101 -16.07 -5.84 -15.82
C THR A 101 -14.76 -5.36 -16.44
N GLY A 102 -13.67 -5.76 -15.83
CA GLY A 102 -12.37 -5.36 -16.33
C GLY A 102 -11.27 -6.33 -15.98
N ARG A 103 -10.07 -6.03 -16.47
CA ARG A 103 -8.87 -6.77 -16.10
C ARG A 103 -7.78 -5.81 -15.61
N VAL A 104 -7.34 -5.99 -14.36
CA VAL A 104 -6.23 -5.21 -13.79
C VAL A 104 -4.90 -5.85 -14.17
N GLU A 105 -3.93 -5.05 -14.58
CA GLU A 105 -2.62 -5.57 -14.96
C GLU A 105 -1.50 -4.81 -14.26
N GLU A 106 -0.49 -5.53 -13.82
CA GLU A 106 0.71 -4.94 -13.22
C GLU A 106 1.85 -5.11 -14.19
N TYR A 107 2.54 -4.02 -14.51
CA TYR A 107 3.63 -4.10 -15.47
C TYR A 107 4.97 -3.58 -14.93
N VAL A 108 6.06 -4.01 -15.56
CA VAL A 108 7.40 -3.56 -15.21
C VAL A 108 8.12 -3.02 -16.44
N PRO A 115 5.97 -2.56 -22.08
CA PRO A 115 6.38 -3.07 -20.76
C PRO A 115 5.77 -4.43 -20.49
N THR A 116 6.43 -5.22 -19.66
CA THR A 116 5.99 -6.59 -19.43
C THR A 116 4.94 -6.64 -18.34
N VAL A 117 3.82 -7.31 -18.62
CA VAL A 117 2.81 -7.55 -17.60
C VAL A 117 3.22 -8.75 -16.78
N ILE A 118 3.31 -8.58 -15.46
CA ILE A 118 3.80 -9.63 -14.58
C ILE A 118 2.71 -10.21 -13.68
N ASN A 119 1.56 -9.54 -13.64
CA ASN A 119 0.40 -10.01 -12.87
C ASN A 119 -0.88 -9.44 -13.46
N SER A 120 -1.95 -10.24 -13.42
CA SER A 120 -3.26 -9.83 -13.94
C SER A 120 -4.41 -10.46 -13.17
N LYS A 121 -5.51 -9.71 -13.02
CA LYS A 121 -6.70 -10.22 -12.35
C LYS A 121 -7.99 -9.58 -12.89
N ASP A 122 -9.01 -10.41 -13.11
CA ASP A 122 -10.34 -9.90 -13.49
C ASP A 122 -10.94 -9.11 -12.35
N ILE A 123 -11.69 -8.07 -12.69
CA ILE A 123 -12.48 -7.34 -11.70
C ILE A 123 -13.89 -7.15 -12.20
N SER A 124 -14.83 -7.16 -11.27
CA SER A 124 -16.24 -7.06 -11.60
C SER A 124 -17.00 -6.50 -10.41
N ALA A 125 -17.92 -5.60 -10.67
CA ALA A 125 -18.81 -5.09 -9.62
C ALA A 125 -20.03 -4.46 -10.26
N THR A 126 -21.09 -4.38 -9.46
CA THR A 126 -22.39 -3.92 -9.94
C THR A 126 -22.88 -2.79 -9.06
N LYS A 127 -23.21 -1.68 -9.69
CA LYS A 127 -23.67 -0.49 -8.97
C LYS A 127 -25.15 -0.24 -9.28
N THR A 128 -25.93 0.02 -8.23
CA THR A 128 -27.36 0.20 -8.39
C THR A 128 -27.74 1.66 -8.63
N VAL A 129 -28.68 1.89 -9.54
CA VAL A 129 -29.28 3.22 -9.68
C VAL A 129 -30.80 3.16 -9.53
N PHE B 1 18.31 -4.61 31.17
CA PHE B 1 17.64 -4.76 29.88
C PHE B 1 16.70 -3.60 29.58
N SER B 2 17.03 -2.81 28.57
CA SER B 2 16.20 -1.71 28.13
C SER B 2 16.17 -1.63 26.62
N VAL B 3 15.10 -1.05 26.08
CA VAL B 3 14.98 -0.84 24.64
C VAL B 3 14.55 0.60 24.36
N GLU B 4 15.12 1.21 23.35
CA GLU B 4 14.61 2.49 22.85
C GLU B 4 14.24 2.35 21.37
N PHE B 5 13.02 2.74 21.04
CA PHE B 5 12.58 2.71 19.64
C PHE B 5 11.77 3.94 19.25
N LYS B 6 12.30 4.73 18.33
CA LYS B 6 11.60 5.94 17.91
C LYS B 6 11.81 6.24 16.43
N ALA B 7 10.96 7.09 15.89
CA ALA B 7 11.09 7.59 14.53
C ALA B 7 12.27 8.54 14.49
N THR B 8 13.01 8.53 13.39
CA THR B 8 14.11 9.46 13.20
C THR B 8 13.58 10.89 13.03
N GLU B 9 14.47 11.87 12.94
CA GLU B 9 14.04 13.26 12.90
C GLU B 9 13.96 13.86 11.50
N ASN B 10 14.64 13.23 10.55
CA ASN B 10 14.70 13.75 9.19
C ASN B 10 13.33 13.74 8.53
N GLU B 11 13.01 14.81 7.81
CA GLU B 11 11.74 14.90 7.13
C GLU B 11 11.70 14.02 5.88
N ILE B 12 10.65 13.23 5.75
CA ILE B 12 10.44 12.49 4.52
C ILE B 12 9.20 13.06 3.80
N VAL B 13 9.36 13.36 2.52
CA VAL B 13 8.27 13.88 1.71
C VAL B 13 7.93 12.82 0.68
N SER B 14 6.66 12.71 0.31
CA SER B 14 6.25 11.69 -0.67
C SER B 14 6.98 11.78 -2.01
N GLY B 15 7.24 10.63 -2.62
CA GLY B 15 7.91 10.59 -3.91
C GLY B 15 8.94 9.47 -4.02
N LYS B 16 9.75 9.53 -5.07
CA LYS B 16 10.84 8.58 -5.26
C LYS B 16 12.05 8.97 -4.42
N LEU B 17 12.47 8.08 -3.53
CA LEU B 17 13.58 8.37 -2.65
C LEU B 17 14.89 8.45 -3.43
N ASP B 18 15.62 9.55 -3.25
CA ASP B 18 16.91 9.73 -3.94
C ASP B 18 18.04 8.97 -3.24
N ALA B 19 17.84 8.64 -1.97
CA ALA B 19 18.85 7.96 -1.20
C ALA B 19 18.23 7.10 -0.10
N ASP B 20 19.04 6.22 0.48
CA ASP B 20 18.62 5.49 1.67
C ASP B 20 18.22 6.51 2.72
N THR B 21 17.03 6.35 3.26
CA THR B 21 16.41 7.36 4.09
C THR B 21 16.03 6.80 5.45
N PRO B 22 16.69 7.27 6.52
CA PRO B 22 16.34 6.90 7.89
C PRO B 22 14.86 7.06 8.25
N ALA B 23 14.30 6.06 8.93
CA ALA B 23 12.91 6.09 9.34
C ALA B 23 12.76 5.83 10.85
N PHE B 24 13.48 4.85 11.38
CA PHE B 24 13.43 4.54 12.81
C PHE B 24 14.81 4.31 13.42
N HIS B 25 14.93 4.52 14.73
CA HIS B 25 16.17 4.21 15.43
C HIS B 25 15.93 3.34 16.65
N LEU B 26 16.74 2.30 16.78
CA LEU B 26 16.55 1.30 17.82
C LEU B 26 17.80 1.17 18.67
N VAL B 27 17.61 1.17 19.99
CA VAL B 27 18.72 0.93 20.91
C VAL B 27 18.38 -0.23 21.81
N MET B 28 19.19 -1.27 21.79
CA MET B 28 18.98 -2.41 22.66
C MET B 28 20.13 -2.54 23.66
N SER B 29 19.83 -2.45 24.95
CA SER B 29 20.86 -2.41 25.99
C SER B 29 20.74 -3.51 27.03
N ASP B 30 21.89 -4.04 27.45
CA ASP B 30 21.99 -4.86 28.65
C ASP B 30 23.45 -5.12 29.01
N SER B 31 23.86 -4.66 30.19
CA SER B 31 25.24 -4.85 30.65
C SER B 31 25.48 -6.29 31.10
N GLY B 32 24.41 -7.06 31.27
CA GLY B 32 24.55 -8.46 31.60
C GLY B 32 24.98 -9.32 30.43
N GLU B 33 25.52 -10.49 30.72
CA GLU B 33 26.00 -11.42 29.69
C GLU B 33 24.84 -11.93 28.83
N HIS B 34 24.97 -11.75 27.52
CA HIS B 34 23.99 -12.24 26.55
C HIS B 34 24.68 -12.55 25.24
N LYS B 35 23.98 -13.25 24.36
CA LYS B 35 24.56 -13.67 23.10
C LYS B 35 24.13 -12.75 21.95
N GLY B 36 22.85 -12.41 21.91
CA GLY B 36 22.34 -11.54 20.87
C GLY B 36 20.90 -11.09 21.04
N TRP B 37 20.37 -10.52 19.97
CA TRP B 37 19.03 -9.96 19.97
C TRP B 37 18.24 -10.39 18.73
N ASN B 38 16.92 -10.50 18.88
CA ASN B 38 16.01 -10.65 17.76
C ASN B 38 15.13 -9.40 17.70
N VAL B 39 14.76 -8.99 16.49
CA VAL B 39 13.74 -7.95 16.34
C VAL B 39 12.69 -8.54 15.43
N ARG B 40 11.55 -8.93 16.00
CA ARG B 40 10.51 -9.64 15.25
C ARG B 40 9.30 -8.75 14.93
N PRO B 41 9.05 -8.48 13.64
CA PRO B 41 7.87 -7.69 13.25
C PRO B 41 6.57 -8.31 13.75
N THR B 42 5.64 -7.47 14.17
CA THR B 42 4.36 -7.96 14.70
C THR B 42 3.20 -7.25 14.04
N GLY B 43 2.05 -7.91 13.99
CA GLY B 43 0.85 -7.33 13.42
C GLY B 43 0.96 -6.97 11.95
N ALA B 44 0.50 -5.76 11.61
CA ALA B 44 0.52 -5.26 10.23
C ALA B 44 1.93 -5.24 9.62
N SER B 45 2.92 -5.08 10.50
CA SER B 45 4.31 -4.96 10.10
C SER B 45 4.96 -6.29 9.79
N GLU B 46 4.21 -7.38 9.94
CA GLU B 46 4.76 -8.70 9.65
C GLU B 46 5.27 -8.75 8.21
N GLY B 47 6.52 -9.17 8.06
CA GLY B 47 7.16 -9.12 6.77
C GLY B 47 8.28 -8.11 6.72
N GLY B 48 8.29 -7.19 7.69
CA GLY B 48 9.34 -6.18 7.78
C GLY B 48 8.97 -4.83 7.17
N GLN B 49 7.71 -4.44 7.33
CA GLN B 49 7.24 -3.18 6.77
C GLN B 49 6.69 -2.22 7.80
N MET B 50 6.78 -0.92 7.51
CA MET B 50 6.01 0.06 8.24
C MET B 50 4.71 0.24 7.45
N VAL B 51 3.59 0.42 8.14
CA VAL B 51 2.30 0.36 7.46
C VAL B 51 1.44 1.58 7.80
N SER B 52 0.92 2.28 6.78
CA SER B 52 0.11 3.49 7.02
C SER B 52 -1.34 3.18 7.36
N ALA B 53 -2.12 4.21 7.68
CA ALA B 53 -3.51 4.03 8.10
C ALA B 53 -4.36 3.32 7.06
N ASP B 54 -4.09 3.57 5.78
CA ASP B 54 -4.89 2.96 4.73
C ASP B 54 -4.31 1.62 4.31
N GLY B 55 -3.22 1.22 4.95
CA GLY B 55 -2.66 -0.09 4.69
C GLY B 55 -1.48 -0.11 3.75
N THR B 56 -1.03 1.05 3.28
CA THR B 56 0.12 1.11 2.39
C THR B 56 1.36 0.65 3.15
N ARG B 57 2.20 -0.16 2.51
CA ARG B 57 3.36 -0.72 3.18
C ARG B 57 4.68 -0.30 2.53
N VAL B 58 5.68 -0.03 3.37
CA VAL B 58 7.02 0.29 2.90
C VAL B 58 8.05 -0.58 3.62
N ASP B 59 8.91 -1.25 2.85
CA ASP B 59 9.94 -2.12 3.42
C ASP B 59 10.92 -1.35 4.29
N LEU B 60 11.32 -1.97 5.40
CA LEU B 60 12.38 -1.42 6.23
C LEU B 60 13.68 -2.20 6.01
N HIS B 61 14.80 -1.51 6.14
CA HIS B 61 16.09 -2.15 6.00
C HIS B 61 17.03 -1.62 7.07
N THR B 62 18.05 -2.40 7.38
CA THR B 62 19.07 -1.97 8.32
C THR B 62 20.38 -2.63 7.97
N ASN B 63 21.46 -1.86 8.05
CA ASN B 63 22.79 -2.41 7.81
C ASN B 63 23.45 -2.98 9.07
N GLU B 64 22.76 -2.87 10.21
CA GLU B 64 23.36 -3.30 11.47
C GLU B 64 22.89 -4.68 11.90
N LEU B 65 21.79 -5.15 11.32
CA LEU B 65 21.23 -6.44 11.73
C LEU B 65 21.14 -7.41 10.57
N SER B 66 21.23 -8.71 10.88
CA SER B 66 21.01 -9.75 9.89
C SER B 66 19.52 -10.06 9.82
N TRP B 67 19.16 -10.93 8.89
CA TRP B 67 17.76 -11.27 8.67
C TRP B 67 17.65 -12.78 8.54
N ASP B 68 16.58 -13.34 9.09
CA ASP B 68 16.31 -14.76 9.01
C ASP B 68 14.85 -14.95 8.68
N ASN B 69 14.55 -15.12 7.39
CA ASN B 69 13.18 -15.38 6.92
C ASN B 69 12.17 -14.28 7.18
N ASP B 70 11.98 -13.92 8.45
CA ASP B 70 10.89 -13.02 8.82
C ASP B 70 11.21 -12.05 9.96
N HIS B 71 12.47 -11.96 10.32
CA HIS B 71 12.87 -11.12 11.43
C HIS B 71 14.34 -10.82 11.35
N TRP B 72 14.73 -9.73 11.99
CA TRP B 72 16.12 -9.35 12.13
C TRP B 72 16.74 -9.98 13.37
N TRP B 73 18.05 -10.18 13.34
CA TRP B 73 18.74 -10.80 14.47
C TRP B 73 20.21 -10.42 14.41
N ILE B 74 20.88 -10.50 15.55
CA ILE B 74 22.32 -10.25 15.59
C ILE B 74 22.93 -10.91 16.81
N ASP B 75 24.09 -11.53 16.62
CA ASP B 75 24.88 -11.98 17.74
C ASP B 75 25.77 -10.81 18.14
N ASP B 76 25.46 -10.19 19.28
CA ASP B 76 26.27 -9.10 19.77
C ASP B 76 26.15 -9.09 21.27
N GLY B 77 27.25 -9.36 21.96
CA GLY B 77 27.23 -9.49 23.40
C GLY B 77 27.48 -8.21 24.16
N SER B 78 27.82 -7.15 23.43
CA SER B 78 28.17 -5.88 24.06
C SER B 78 27.00 -5.32 24.83
N GLU B 79 27.28 -4.35 25.70
CA GLU B 79 26.25 -3.78 26.56
C GLU B 79 25.15 -3.05 25.79
N ARG B 80 25.42 -2.73 24.52
CA ARG B 80 24.52 -1.87 23.78
C ARG B 80 24.66 -1.99 22.25
N VAL B 81 23.55 -2.32 21.59
CA VAL B 81 23.45 -2.36 20.13
C VAL B 81 22.52 -1.26 19.65
N GLU B 82 22.92 -0.52 18.63
CA GLU B 82 21.93 0.29 17.95
C GLU B 82 21.85 0.05 16.46
N ALA B 83 20.67 0.32 15.93
CA ALA B 83 20.36 0.04 14.54
C ALA B 83 19.56 1.19 14.02
N THR B 84 19.74 1.51 12.75
CA THR B 84 18.85 2.45 12.08
C THR B 84 18.11 1.69 11.00
N PHE B 85 16.79 1.84 10.97
CA PHE B 85 15.96 1.28 9.91
C PHE B 85 15.68 2.36 8.90
N PHE B 86 16.08 2.11 7.66
CA PHE B 86 15.99 3.12 6.62
C PHE B 86 15.13 2.61 5.46
N LEU B 87 14.65 3.56 4.64
CA LEU B 87 13.89 3.22 3.46
C LEU B 87 14.83 3.22 2.24
N ALA B 88 14.69 2.25 1.36
CA ALA B 88 15.69 2.08 0.31
C ALA B 88 15.66 3.18 -0.75
N ALA B 89 16.85 3.59 -1.22
CA ALA B 89 16.95 4.53 -2.33
C ALA B 89 16.22 3.95 -3.53
N GLY B 90 15.40 4.77 -4.19
CA GLY B 90 14.63 4.30 -5.33
C GLY B 90 13.19 3.85 -5.06
N ASP B 91 12.83 3.63 -3.81
CA ASP B 91 11.45 3.28 -3.47
C ASP B 91 10.53 4.49 -3.60
N GLU B 92 9.34 4.27 -4.12
CA GLU B 92 8.32 5.31 -4.19
C GLU B 92 7.47 5.24 -2.95
N VAL B 93 7.43 6.35 -2.21
CA VAL B 93 6.71 6.39 -0.95
C VAL B 93 5.58 7.40 -0.97
N LYS B 94 4.38 6.93 -0.65
CA LYS B 94 3.22 7.78 -0.55
C LYS B 94 3.18 8.43 0.82
N ALA B 95 2.53 9.58 0.89
CA ALA B 95 2.30 10.26 2.15
C ALA B 95 1.44 9.38 3.05
N GLY B 96 1.72 9.45 4.35
CA GLY B 96 1.00 8.65 5.32
C GLY B 96 1.69 8.67 6.67
N GLU B 97 0.99 8.19 7.68
CA GLU B 97 1.61 8.01 8.98
C GLU B 97 1.84 6.51 9.11
N TYR B 98 3.09 6.09 8.97
CA TYR B 98 3.39 4.66 8.86
C TYR B 98 3.91 4.08 10.15
N GLN B 99 3.23 3.07 10.67
CA GLN B 99 3.59 2.49 11.95
C GLN B 99 4.39 1.23 11.77
N PHE B 100 5.40 1.05 12.62
CA PHE B 100 6.07 -0.24 12.76
C PHE B 100 5.85 -0.72 14.18
N THR B 101 5.47 -1.99 14.29
CA THR B 101 5.30 -2.68 15.55
C THR B 101 6.15 -3.93 15.51
N GLY B 102 6.81 -4.24 16.62
CA GLY B 102 7.62 -5.44 16.69
C GLY B 102 7.85 -5.91 18.11
N ARG B 103 8.60 -6.99 18.27
CA ARG B 103 8.99 -7.44 19.61
C ARG B 103 10.49 -7.66 19.64
N VAL B 104 11.17 -6.99 20.56
CA VAL B 104 12.60 -7.19 20.74
C VAL B 104 12.83 -8.35 21.71
N GLU B 105 13.77 -9.23 21.37
CA GLU B 105 14.11 -10.34 22.25
C GLU B 105 15.61 -10.36 22.50
N GLU B 106 15.99 -10.59 23.75
CA GLU B 106 17.38 -10.83 24.12
C GLU B 106 17.59 -12.31 24.42
N TYR B 107 18.67 -12.88 23.89
CA TYR B 107 18.92 -14.30 24.07
C TYR B 107 20.34 -14.66 24.54
N VAL B 108 20.48 -15.88 25.08
CA VAL B 108 21.76 -16.37 25.59
C VAL B 108 22.19 -17.68 24.94
N THR B 116 18.30 -19.25 23.80
CA THR B 116 17.30 -19.11 24.86
C THR B 116 17.01 -17.65 25.18
N VAL B 117 15.75 -17.24 25.02
CA VAL B 117 15.36 -15.86 25.24
C VAL B 117 15.20 -15.56 26.74
N ILE B 118 15.84 -14.50 27.21
CA ILE B 118 15.82 -14.16 28.64
C ILE B 118 15.03 -12.87 28.94
N ASN B 119 14.81 -12.06 27.92
CA ASN B 119 14.03 -10.84 28.06
C ASN B 119 13.33 -10.50 26.74
N SER B 120 12.15 -9.91 26.82
CA SER B 120 11.45 -9.47 25.62
C SER B 120 10.54 -8.29 25.87
N LYS B 121 10.30 -7.49 24.84
CA LYS B 121 9.52 -6.27 24.99
C LYS B 121 8.99 -5.82 23.63
N ASP B 122 7.74 -5.36 23.60
CA ASP B 122 7.18 -4.82 22.37
C ASP B 122 7.75 -3.44 22.07
N ILE B 123 7.85 -3.13 20.78
CA ILE B 123 8.26 -1.80 20.36
C ILE B 123 7.23 -1.31 19.35
N SER B 124 7.06 0.01 19.28
CA SER B 124 6.07 0.61 18.40
C SER B 124 6.45 2.08 18.16
N ALA B 125 6.33 2.51 16.91
CA ALA B 125 6.69 3.87 16.52
C ALA B 125 6.08 4.22 15.18
N THR B 126 5.84 5.51 14.96
CA THR B 126 5.22 5.97 13.72
C THR B 126 6.12 7.00 13.05
N LYS B 127 6.29 6.88 11.74
CA LYS B 127 7.12 7.80 11.00
C LYS B 127 6.29 8.50 9.91
N THR B 128 6.33 9.83 9.90
CA THR B 128 5.51 10.60 8.96
C THR B 128 6.17 10.76 7.60
N VAL B 129 5.39 10.54 6.55
CA VAL B 129 5.79 10.94 5.22
C VAL B 129 4.80 11.98 4.80
N LYS B 130 5.29 13.15 4.43
CA LYS B 130 4.39 14.23 4.05
C LYS B 130 4.13 14.27 2.56
N GLU B 131 3.01 14.89 2.17
CA GLU B 131 2.73 15.11 0.77
C GLU B 131 3.73 16.07 0.15
#